data_3ATR
#
_entry.id   3ATR
#
_cell.length_a   62.984
_cell.length_b   82.054
_cell.length_c   105.837
_cell.angle_alpha   90.00
_cell.angle_beta   90.00
_cell.angle_gamma   90.00
#
_symmetry.space_group_name_H-M   'P 21 21 21'
#
loop_
_entity.id
_entity.type
_entity.pdbx_description
1 polymer 'Conserved Archaeal protein'
2 non-polymer 'DIHYDROFLAVINE-ADENINE DINUCLEOTIDE'
3 non-polymer nonane
4 non-polymer PYROPHOSPHATE
5 water water
#
_entity_poly.entity_id   1
_entity_poly.type   'polypeptide(L)'
_entity_poly.pdbx_seq_one_letter_code
;HMKELKYDVLIIGGGFAGSSAAYQLSRRGLKILLVDSKPWNRIGDKPCGDAVSKAHFDKLGMPYPKGEELENKINGIKLY
SPDMQTVWTVNGEGFELNAPLYNQRVLKEAQDRGVEIWDLTTAMKPIFEDGYVKGAVLFNRRTNEELTVYSKVVVEATGY
SRSFRSKLPPELPITEDLDDKDADVAYREVLLTKEDIEDHDYLRIFIDQETSPGGYWWYFPKGKNKVNVGLGIQGGMGYP
SIHEYYKKYLDKYAPDVDKSKLLVKGGALVPTRRPLYTMAWNGIIVIGDSGFTVNPVHGGGKGSAMISGYCAAKAILSAF
ETGDFSASGLWDMNICYVNEYGAKQASLDIFRRFLQKLSNDDINYGMKKKIIKEEDLLEASEKGDLHLSVADKAMRVISG
LGRPSLLFKLKAVAESMKKIKELYLNYPRSPSSLGSWRREVDNVLTEFNKSLS
;
_entity_poly.pdbx_strand_id   A
#
loop_
_chem_comp.id
_chem_comp.type
_chem_comp.name
_chem_comp.formula
DD9 non-polymer nonane 'C9 H20'
FDA non-polymer 'DIHYDROFLAVINE-ADENINE DINUCLEOTIDE' 'C27 H35 N9 O15 P2'
PPV non-polymer PYROPHOSPHATE 'H4 O7 P2'
#
# COMPACT_ATOMS: atom_id res chain seq x y z
N MET A 2 -0.97 23.05 -29.49
CA MET A 2 -1.46 21.62 -29.42
C MET A 2 -2.95 21.54 -29.12
N LYS A 3 -3.54 20.39 -29.43
CA LYS A 3 -4.95 20.12 -29.20
C LYS A 3 -5.28 20.30 -27.70
N GLU A 4 -6.42 20.93 -27.38
CA GLU A 4 -6.91 21.10 -25.98
C GLU A 4 -8.29 20.45 -25.74
N LEU A 5 -8.38 19.64 -24.70
CA LEU A 5 -9.63 18.92 -24.39
C LEU A 5 -9.98 19.28 -22.96
N LYS A 6 -11.26 19.25 -22.61
CA LYS A 6 -11.67 19.53 -21.23
C LYS A 6 -12.44 18.38 -20.64
N TYR A 7 -12.03 17.94 -19.45
CA TYR A 7 -12.70 16.89 -18.73
C TYR A 7 -13.01 17.38 -17.33
N ASP A 8 -13.94 16.74 -16.63
CA ASP A 8 -14.16 17.12 -15.25
C ASP A 8 -13.02 16.56 -14.38
N VAL A 9 -12.65 15.32 -14.63
CA VAL A 9 -11.60 14.62 -13.83
C VAL A 9 -10.66 13.88 -14.80
N LEU A 10 -9.34 13.98 -14.52
CA LEU A 10 -8.31 13.26 -15.20
C LEU A 10 -7.68 12.31 -14.18
N ILE A 11 -7.72 11.01 -14.46
CA ILE A 11 -7.12 10.05 -13.56
C ILE A 11 -5.84 9.58 -14.23
N ILE A 12 -4.72 9.73 -13.54
CA ILE A 12 -3.42 9.39 -14.17
C ILE A 12 -2.93 8.10 -13.48
N GLY A 13 -2.98 7.02 -14.25
CA GLY A 13 -2.62 5.67 -13.76
C GLY A 13 -3.87 4.79 -13.58
N GLY A 14 -3.81 3.56 -14.05
CA GLY A 14 -4.99 2.69 -14.00
C GLY A 14 -4.77 1.37 -13.28
N GLY A 15 -3.89 1.36 -12.27
CA GLY A 15 -3.75 0.17 -11.41
C GLY A 15 -4.91 0.03 -10.44
N PHE A 16 -4.75 -0.71 -9.32
CA PHE A 16 -5.83 -0.82 -8.36
C PHE A 16 -6.33 0.56 -7.88
N ALA A 17 -5.42 1.52 -7.66
CA ALA A 17 -5.87 2.82 -7.18
C ALA A 17 -6.71 3.58 -8.24
N GLY A 18 -6.09 3.83 -9.39
CA GLY A 18 -6.77 4.64 -10.42
C GLY A 18 -8.03 3.95 -10.94
N SER A 19 -7.96 2.62 -11.15
CA SER A 19 -9.15 1.88 -11.63
C SER A 19 -10.31 1.95 -10.63
N SER A 20 -9.99 1.83 -9.34
CA SER A 20 -10.99 1.99 -8.26
C SER A 20 -11.60 3.37 -8.30
N ALA A 21 -10.77 4.40 -8.48
CA ALA A 21 -11.32 5.74 -8.52
C ALA A 21 -12.27 5.89 -9.73
N ALA A 22 -11.88 5.35 -10.88
CA ALA A 22 -12.70 5.49 -12.10
C ALA A 22 -14.04 4.75 -11.91
N TYR A 23 -13.93 3.52 -11.40
CA TYR A 23 -15.12 2.72 -11.17
C TYR A 23 -16.09 3.47 -10.23
N GLN A 24 -15.55 3.94 -9.12
CA GLN A 24 -16.36 4.60 -8.11
C GLN A 24 -16.94 5.95 -8.54
N LEU A 25 -16.23 6.67 -9.41
CA LEU A 25 -16.71 7.97 -9.92
C LEU A 25 -17.72 7.85 -11.06
N SER A 26 -17.80 6.67 -11.69
CA SER A 26 -18.57 6.47 -12.89
C SER A 26 -20.07 6.56 -12.62
N ARG A 27 -20.78 6.94 -13.66
CA ARG A 27 -22.25 7.03 -13.61
C ARG A 27 -22.73 7.95 -12.49
N ARG A 28 -22.05 9.09 -12.37
CA ARG A 28 -22.37 10.06 -11.31
C ARG A 28 -22.40 11.46 -11.89
N GLY A 29 -22.50 11.52 -13.21
CA GLY A 29 -22.70 12.78 -13.90
C GLY A 29 -21.45 13.49 -14.39
N LEU A 30 -20.28 12.90 -14.19
CA LEU A 30 -19.04 13.61 -14.53
C LEU A 30 -18.37 13.03 -15.79
N LYS A 31 -17.58 13.86 -16.46
CA LYS A 31 -16.85 13.48 -17.69
C LYS A 31 -15.43 13.14 -17.26
N ILE A 32 -15.10 11.86 -17.31
CA ILE A 32 -13.86 11.36 -16.69
C ILE A 32 -12.96 10.72 -17.77
N LEU A 33 -11.68 11.06 -17.69
CA LEU A 33 -10.68 10.44 -18.55
C LEU A 33 -9.66 9.78 -17.64
N LEU A 34 -9.30 8.53 -17.92
CA LEU A 34 -8.20 7.85 -17.23
C LEU A 34 -7.17 7.50 -18.28
N VAL A 35 -5.91 7.76 -17.95
CA VAL A 35 -4.76 7.39 -18.79
C VAL A 35 -3.81 6.45 -18.06
N ASP A 36 -3.13 5.60 -18.83
CA ASP A 36 -2.05 4.77 -18.32
C ASP A 36 -1.06 4.56 -19.42
N SER A 37 0.23 4.69 -19.07
CA SER A 37 1.36 4.47 -19.99
C SER A 37 1.36 3.10 -20.62
N LYS A 38 0.76 2.11 -19.95
CA LYS A 38 0.85 0.72 -20.41
C LYS A 38 -0.18 0.44 -21.48
N PRO A 39 0.11 -0.54 -22.40
CA PRO A 39 -0.98 -1.02 -23.25
C PRO A 39 -2.01 -1.76 -22.42
N TRP A 40 -3.28 -1.68 -22.84
N TRP A 40 -3.28 -1.71 -22.85
CA TRP A 40 -4.42 -2.32 -22.17
CA TRP A 40 -4.41 -2.33 -22.11
C TRP A 40 -4.11 -3.69 -21.54
C TRP A 40 -4.08 -3.69 -21.50
N ASN A 41 -3.54 -4.59 -22.33
CA ASN A 41 -3.32 -5.98 -21.92
C ASN A 41 -2.29 -6.12 -20.80
N ARG A 42 -1.47 -5.09 -20.56
CA ARG A 42 -0.53 -5.07 -19.44
C ARG A 42 -0.93 -4.26 -18.22
N ILE A 43 -2.03 -3.48 -18.28
CA ILE A 43 -2.34 -2.66 -17.11
C ILE A 43 -2.62 -3.57 -15.91
N GLY A 44 -2.00 -3.24 -14.78
CA GLY A 44 -2.18 -4.11 -13.64
C GLY A 44 -1.00 -5.03 -13.35
N ASP A 45 0.02 -5.07 -14.23
CA ASP A 45 1.07 -6.11 -14.14
C ASP A 45 2.35 -5.74 -13.38
N LYS A 46 2.32 -4.67 -12.58
CA LYS A 46 3.49 -4.38 -11.72
C LYS A 46 3.75 -5.61 -10.82
N PRO A 47 5.03 -5.97 -10.57
CA PRO A 47 5.27 -7.09 -9.64
C PRO A 47 4.56 -6.90 -8.31
N CYS A 48 4.01 -7.99 -7.80
CA CYS A 48 3.18 -7.97 -6.64
C CYS A 48 3.05 -9.44 -6.21
N GLY A 49 2.77 -9.65 -4.93
CA GLY A 49 2.48 -10.97 -4.41
C GLY A 49 1.08 -11.40 -4.83
N ASP A 50 0.23 -10.42 -5.21
CA ASP A 50 -1.11 -10.68 -5.74
C ASP A 50 -2.15 -11.17 -4.72
N ALA A 51 -1.87 -10.97 -3.44
CA ALA A 51 -2.78 -11.41 -2.36
C ALA A 51 -3.56 -10.26 -1.77
N VAL A 52 -4.88 -10.42 -1.73
CA VAL A 52 -5.76 -9.36 -1.24
C VAL A 52 -6.87 -10.00 -0.39
N SER A 53 -7.13 -9.43 0.77
CA SER A 53 -8.17 -10.02 1.62
C SER A 53 -9.56 -9.83 1.04
N LYS A 54 -10.43 -10.79 1.32
CA LYS A 54 -11.82 -10.65 1.00
C LYS A 54 -12.43 -9.47 1.78
N ALA A 55 -11.95 -9.23 3.02
CA ALA A 55 -12.51 -8.13 3.85
C ALA A 55 -12.35 -6.75 3.14
N HIS A 56 -11.25 -6.56 2.40
CA HIS A 56 -11.06 -5.33 1.63
C HIS A 56 -12.11 -5.12 0.57
N PHE A 57 -12.50 -6.20 -0.08
CA PHE A 57 -13.55 -6.10 -1.09
C PHE A 57 -14.87 -5.80 -0.37
N ASP A 58 -15.10 -6.48 0.76
CA ASP A 58 -16.37 -6.30 1.50
C ASP A 58 -16.48 -4.90 2.11
N LYS A 59 -15.34 -4.35 2.54
CA LYS A 59 -15.32 -3.04 3.18
C LYS A 59 -16.01 -2.01 2.23
N LEU A 60 -15.83 -2.19 0.91
CA LEU A 60 -16.23 -1.24 -0.15
C LEU A 60 -17.39 -1.77 -0.98
N GLY A 61 -17.87 -2.96 -0.62
CA GLY A 61 -18.81 -3.74 -1.46
C GLY A 61 -18.26 -3.79 -2.90
N MET A 62 -16.94 -4.01 -3.07
CA MET A 62 -16.31 -4.12 -4.42
C MET A 62 -16.54 -5.55 -4.93
N PRO A 63 -16.68 -5.73 -6.27
CA PRO A 63 -17.00 -7.09 -6.77
C PRO A 63 -15.81 -8.00 -6.48
N TYR A 64 -16.08 -9.27 -6.13
CA TYR A 64 -15.04 -10.29 -5.96
C TYR A 64 -14.45 -10.65 -7.33
N PRO A 65 -13.15 -10.97 -7.34
CA PRO A 65 -12.56 -11.63 -8.50
C PRO A 65 -13.25 -12.97 -8.73
N LYS A 66 -13.39 -13.32 -10.00
CA LYS A 66 -14.08 -14.54 -10.39
C LYS A 66 -13.44 -15.06 -11.68
N GLY A 67 -13.62 -16.36 -11.91
CA GLY A 67 -13.13 -16.99 -13.13
C GLY A 67 -11.63 -16.90 -13.15
N GLU A 68 -11.08 -16.58 -14.33
CA GLU A 68 -9.62 -16.47 -14.52
C GLU A 68 -8.97 -15.32 -13.73
N GLU A 69 -9.77 -14.45 -13.13
CA GLU A 69 -9.22 -13.37 -12.29
C GLU A 69 -8.76 -13.88 -10.94
N LEU A 70 -9.32 -15.00 -10.52
CA LEU A 70 -9.04 -15.60 -9.22
C LEU A 70 -8.22 -16.84 -9.41
N GLU A 71 -6.92 -16.74 -9.16
CA GLU A 71 -6.05 -17.88 -9.36
C GLU A 71 -6.22 -18.91 -8.26
N ASN A 72 -6.42 -18.46 -7.04
CA ASN A 72 -6.46 -19.40 -5.94
C ASN A 72 -7.16 -18.81 -4.74
N LYS A 73 -8.10 -19.55 -4.14
CA LYS A 73 -8.78 -19.03 -2.94
C LYS A 73 -7.90 -19.24 -1.71
N ILE A 74 -7.80 -18.23 -0.85
CA ILE A 74 -6.96 -18.32 0.34
C ILE A 74 -7.84 -18.40 1.57
N ASN A 75 -7.53 -19.33 2.47
CA ASN A 75 -8.27 -19.49 3.74
C ASN A 75 -7.47 -19.08 4.99
N GLY A 76 -6.21 -18.70 4.79
CA GLY A 76 -5.40 -18.12 5.86
C GLY A 76 -3.93 -17.99 5.58
N ILE A 77 -3.17 -17.68 6.63
CA ILE A 77 -1.74 -17.44 6.54
C ILE A 77 -1.05 -18.24 7.62
N LYS A 78 0.04 -18.88 7.24
CA LYS A 78 0.96 -19.48 8.17
C LYS A 78 2.16 -18.54 8.34
N LEU A 79 2.38 -18.08 9.56
CA LEU A 79 3.51 -17.22 9.89
C LEU A 79 4.59 -18.02 10.62
N TYR A 80 5.79 -17.98 10.07
CA TYR A 80 6.91 -18.77 10.58
C TYR A 80 7.93 -17.92 11.33
N SER A 81 8.33 -18.40 12.53
CA SER A 81 9.43 -17.78 13.28
C SER A 81 10.75 -17.93 12.51
N PRO A 82 11.74 -17.06 12.78
CA PRO A 82 13.07 -17.15 12.14
C PRO A 82 13.70 -18.52 12.30
N ASP A 83 13.59 -19.13 13.47
CA ASP A 83 14.17 -20.49 13.61
C ASP A 83 13.31 -21.63 13.02
N MET A 84 12.16 -21.26 12.48
CA MET A 84 11.18 -22.20 11.87
C MET A 84 10.56 -23.18 12.85
N GLN A 85 10.73 -22.95 14.16
CA GLN A 85 10.20 -23.86 15.17
C GLN A 85 8.77 -23.51 15.58
N THR A 86 8.33 -22.28 15.31
CA THR A 86 6.99 -21.88 15.71
C THR A 86 6.25 -21.36 14.49
N VAL A 87 5.09 -21.93 14.21
CA VAL A 87 4.26 -21.49 13.10
C VAL A 87 2.91 -21.06 13.66
N TRP A 88 2.53 -19.81 13.43
CA TRP A 88 1.19 -19.34 13.78
C TRP A 88 0.32 -19.42 12.55
N THR A 89 -0.81 -20.12 12.69
CA THR A 89 -1.83 -20.20 11.63
C THR A 89 -2.92 -19.17 11.94
N VAL A 90 -3.12 -18.23 11.03
CA VAL A 90 -4.13 -17.19 11.17
C VAL A 90 -5.20 -17.43 10.10
N ASN A 91 -6.43 -17.78 10.50
CA ASN A 91 -7.49 -18.02 9.51
C ASN A 91 -8.15 -16.75 9.03
N GLY A 92 -8.54 -16.75 7.76
CA GLY A 92 -9.19 -15.59 7.14
C GLY A 92 -9.19 -15.74 5.63
N GLU A 93 -10.25 -15.24 4.99
CA GLU A 93 -10.46 -15.43 3.56
C GLU A 93 -9.80 -14.35 2.71
N GLY A 94 -9.30 -14.77 1.57
CA GLY A 94 -8.69 -13.83 0.64
C GLY A 94 -8.55 -14.44 -0.72
N PHE A 95 -7.92 -13.69 -1.61
CA PHE A 95 -7.81 -14.10 -2.98
C PHE A 95 -6.37 -13.95 -3.41
N GLU A 96 -5.87 -14.96 -4.12
CA GLU A 96 -4.69 -14.83 -5.00
C GLU A 96 -5.15 -14.56 -6.44
N LEU A 97 -4.86 -13.35 -6.88
CA LEU A 97 -5.43 -12.78 -8.09
C LEU A 97 -4.55 -12.97 -9.29
N ASN A 98 -5.18 -13.03 -10.47
CA ASN A 98 -4.50 -12.66 -11.69
C ASN A 98 -4.72 -11.14 -11.74
N ALA A 99 -3.73 -10.40 -11.27
CA ALA A 99 -3.95 -8.95 -11.00
C ALA A 99 -4.31 -8.17 -12.30
N PRO A 100 -3.55 -8.39 -13.39
CA PRO A 100 -3.90 -7.66 -14.61
C PRO A 100 -5.30 -7.98 -15.09
N LEU A 101 -5.68 -9.26 -15.07
CA LEU A 101 -7.06 -9.61 -15.46
C LEU A 101 -8.15 -8.96 -14.61
N TYR A 102 -7.98 -8.97 -13.29
CA TYR A 102 -8.96 -8.33 -12.44
C TYR A 102 -8.95 -6.80 -12.64
N ASN A 103 -7.75 -6.23 -12.67
CA ASN A 103 -7.60 -4.77 -12.83
C ASN A 103 -8.23 -4.35 -14.16
N GLN A 104 -7.99 -5.14 -15.21
CA GLN A 104 -8.58 -4.85 -16.53
C GLN A 104 -10.08 -4.98 -16.57
N ARG A 105 -10.62 -5.94 -15.82
CA ARG A 105 -12.07 -6.09 -15.67
C ARG A 105 -12.66 -4.86 -14.98
N VAL A 106 -12.00 -4.34 -13.93
CA VAL A 106 -12.54 -3.14 -13.28
C VAL A 106 -12.55 -1.99 -14.28
N LEU A 107 -11.47 -1.82 -15.02
CA LEU A 107 -11.42 -0.74 -16.04
C LEU A 107 -12.44 -0.86 -17.14
N LYS A 108 -12.61 -2.08 -17.65
CA LYS A 108 -13.61 -2.34 -18.68
C LYS A 108 -15.01 -1.94 -18.18
N GLU A 109 -15.33 -2.29 -16.93
CA GLU A 109 -16.65 -1.93 -16.35
C GLU A 109 -16.82 -0.42 -16.15
N ALA A 110 -15.76 0.27 -15.73
CA ALA A 110 -15.77 1.73 -15.65
C ALA A 110 -15.99 2.32 -17.04
N GLN A 111 -15.32 1.78 -18.05
CA GLN A 111 -15.49 2.25 -19.43
C GLN A 111 -16.92 2.07 -19.92
N ASP A 112 -17.49 0.90 -19.61
CA ASP A 112 -18.87 0.55 -19.94
C ASP A 112 -19.84 1.53 -19.27
N ARG A 113 -19.44 2.06 -18.10
CA ARG A 113 -20.24 3.03 -17.35
C ARG A 113 -19.88 4.47 -17.72
N GLY A 114 -19.13 4.66 -18.80
CA GLY A 114 -18.94 6.00 -19.33
C GLY A 114 -17.57 6.66 -19.16
N VAL A 115 -16.65 6.01 -18.45
CA VAL A 115 -15.29 6.53 -18.32
C VAL A 115 -14.49 6.37 -19.61
N GLU A 116 -13.89 7.45 -20.09
CA GLU A 116 -13.01 7.34 -21.25
C GLU A 116 -11.62 6.85 -20.77
N ILE A 117 -11.06 5.84 -21.46
CA ILE A 117 -9.77 5.30 -21.06
C ILE A 117 -8.81 5.30 -22.23
N TRP A 118 -7.66 5.97 -22.06
CA TRP A 118 -6.60 5.90 -23.08
C TRP A 118 -5.38 5.16 -22.53
N ASP A 119 -5.08 4.02 -23.13
CA ASP A 119 -3.84 3.30 -22.81
C ASP A 119 -2.69 3.88 -23.64
N LEU A 120 -1.47 3.36 -23.43
CA LEU A 120 -0.25 3.86 -24.08
C LEU A 120 -0.16 5.39 -24.03
N THR A 121 -0.63 5.97 -22.92
CA THR A 121 -0.72 7.42 -22.82
C THR A 121 -0.08 7.87 -21.50
N THR A 122 0.95 8.71 -21.60
CA THR A 122 1.68 9.19 -20.42
C THR A 122 1.39 10.67 -20.12
N ALA A 123 1.13 11.00 -18.85
CA ALA A 123 1.01 12.38 -18.38
C ALA A 123 2.44 12.87 -18.20
N MET A 124 2.85 13.84 -19.03
CA MET A 124 4.26 14.22 -19.08
C MET A 124 4.58 15.43 -18.20
N LYS A 125 3.61 16.30 -18.05
CA LYS A 125 3.83 17.61 -17.41
C LYS A 125 2.51 18.07 -16.83
N PRO A 126 2.52 18.51 -15.56
CA PRO A 126 1.31 19.11 -15.01
C PRO A 126 0.98 20.47 -15.63
N ILE A 127 -0.31 20.76 -15.72
CA ILE A 127 -0.73 22.12 -16.01
CA ILE A 127 -0.72 22.11 -16.02
C ILE A 127 -0.96 22.71 -14.64
N PHE A 128 -0.11 23.67 -14.28
CA PHE A 128 -0.22 24.30 -12.98
C PHE A 128 -0.29 25.81 -13.23
N GLU A 129 -1.45 26.37 -12.95
CA GLU A 129 -1.70 27.78 -13.29
C GLU A 129 -2.53 28.40 -12.20
N ASP A 130 -2.31 29.69 -11.94
CA ASP A 130 -3.06 30.41 -10.91
C ASP A 130 -3.13 29.62 -9.60
N GLY A 131 -2.00 29.00 -9.23
CA GLY A 131 -1.88 28.24 -8.00
C GLY A 131 -2.61 26.91 -7.87
N TYR A 132 -3.15 26.40 -8.98
CA TYR A 132 -3.95 25.15 -8.96
C TYR A 132 -3.41 24.17 -9.98
N VAL A 133 -3.52 22.88 -9.66
CA VAL A 133 -3.42 21.86 -10.69
C VAL A 133 -4.64 22.01 -11.57
N LYS A 134 -4.43 22.07 -12.90
CA LYS A 134 -5.56 22.32 -13.82
C LYS A 134 -5.57 21.29 -14.96
N GLY A 135 -4.78 20.22 -14.83
CA GLY A 135 -4.76 19.16 -15.86
C GLY A 135 -3.35 18.73 -16.18
N ALA A 136 -3.14 18.17 -17.39
CA ALA A 136 -1.84 17.58 -17.74
C ALA A 136 -1.62 17.69 -19.22
N VAL A 137 -0.34 17.80 -19.59
CA VAL A 137 0.05 17.54 -20.96
C VAL A 137 0.27 16.04 -21.09
N LEU A 138 -0.36 15.45 -22.09
CA LEU A 138 -0.31 14.00 -22.28
C LEU A 138 0.40 13.69 -23.58
N PHE A 139 1.03 12.52 -23.61
CA PHE A 139 1.52 12.01 -24.88
C PHE A 139 0.86 10.63 -25.18
N ASN A 140 0.09 10.58 -26.25
CA ASN A 140 -0.63 9.37 -26.62
C ASN A 140 0.20 8.67 -27.67
N ARG A 141 0.84 7.58 -27.27
CA ARG A 141 1.67 6.81 -28.21
C ARG A 141 0.92 6.13 -29.40
N ARG A 142 -0.34 5.73 -29.21
CA ARG A 142 -1.18 5.21 -30.33
C ARG A 142 -1.41 6.22 -31.45
N THR A 143 -1.61 7.48 -31.09
CA THR A 143 -1.84 8.51 -32.09
C THR A 143 -0.61 9.40 -32.38
N ASN A 144 0.49 9.21 -31.63
CA ASN A 144 1.66 10.13 -31.65
C ASN A 144 1.25 11.58 -31.51
N GLU A 145 0.29 11.80 -30.63
CA GLU A 145 -0.26 13.11 -30.37
C GLU A 145 0.15 13.53 -28.98
N GLU A 146 0.62 14.76 -28.88
CA GLU A 146 0.73 15.44 -27.60
C GLU A 146 -0.52 16.34 -27.44
N LEU A 147 -1.23 16.17 -26.33
CA LEU A 147 -2.50 16.86 -26.07
C LEU A 147 -2.46 17.46 -24.69
N THR A 148 -3.22 18.54 -24.53
CA THR A 148 -3.41 19.17 -23.21
C THR A 148 -4.82 18.81 -22.77
N VAL A 149 -4.93 18.23 -21.58
CA VAL A 149 -6.25 17.97 -21.00
C VAL A 149 -6.39 18.86 -19.79
N TYR A 150 -7.43 19.67 -19.80
CA TYR A 150 -7.76 20.47 -18.65
C TYR A 150 -8.76 19.67 -17.83
N SER A 151 -8.60 19.71 -16.51
CA SER A 151 -9.52 19.03 -15.61
C SER A 151 -9.74 19.89 -14.37
N LYS A 152 -10.88 19.70 -13.71
CA LYS A 152 -11.10 20.38 -12.44
C LYS A 152 -10.26 19.69 -11.36
N VAL A 153 -10.15 18.36 -11.46
CA VAL A 153 -9.38 17.63 -10.46
C VAL A 153 -8.55 16.59 -11.19
N VAL A 154 -7.26 16.52 -10.82
CA VAL A 154 -6.39 15.41 -11.27
C VAL A 154 -6.36 14.38 -10.13
N VAL A 155 -6.59 13.11 -10.44
CA VAL A 155 -6.38 12.01 -9.49
C VAL A 155 -5.01 11.39 -9.89
N GLU A 156 -4.02 11.66 -9.04
CA GLU A 156 -2.66 11.18 -9.26
C GLU A 156 -2.55 9.76 -8.66
N ALA A 157 -2.50 8.77 -9.56
CA ALA A 157 -2.52 7.35 -9.15
C ALA A 157 -1.38 6.61 -9.87
N THR A 158 -0.19 7.24 -9.85
CA THR A 158 0.92 6.80 -10.73
C THR A 158 1.78 5.70 -10.11
N GLY A 159 1.39 5.26 -8.92
CA GLY A 159 2.16 4.18 -8.23
C GLY A 159 3.42 4.70 -7.57
N TYR A 160 4.36 3.77 -7.32
CA TYR A 160 5.53 4.13 -6.51
C TYR A 160 6.40 5.22 -7.13
N SER A 161 6.36 5.38 -8.46
CA SER A 161 7.16 6.43 -9.17
C SER A 161 6.73 7.89 -8.82
N ARG A 162 5.49 8.04 -8.32
CA ARG A 162 4.90 9.37 -8.11
C ARG A 162 5.30 10.35 -9.20
N SER A 163 5.11 9.93 -10.44
CA SER A 163 5.75 10.58 -11.59
C SER A 163 5.17 11.93 -11.96
N PHE A 164 3.91 12.21 -11.57
CA PHE A 164 3.26 13.48 -11.97
C PHE A 164 3.41 14.47 -10.82
N ARG A 165 3.00 14.07 -9.63
CA ARG A 165 3.07 14.99 -8.51
C ARG A 165 4.51 15.45 -8.21
N SER A 166 5.51 14.61 -8.49
CA SER A 166 6.92 15.02 -8.28
C SER A 166 7.36 16.15 -9.23
N LYS A 167 6.55 16.47 -10.24
CA LYS A 167 6.88 17.56 -11.23
C LYS A 167 6.21 18.86 -10.83
N LEU A 168 5.49 18.82 -9.72
CA LEU A 168 4.81 20.02 -9.24
C LEU A 168 5.75 20.88 -8.40
N PRO A 169 5.39 22.18 -8.22
CA PRO A 169 6.20 23.08 -7.43
C PRO A 169 6.49 22.50 -6.05
N PRO A 170 7.77 22.49 -5.66
CA PRO A 170 8.20 21.71 -4.50
C PRO A 170 7.69 22.29 -3.17
N GLU A 171 7.11 23.49 -3.17
CA GLU A 171 6.57 24.04 -1.94
C GLU A 171 5.18 23.45 -1.63
N LEU A 172 4.52 22.82 -2.61
CA LEU A 172 3.19 22.26 -2.37
C LEU A 172 3.28 21.04 -1.45
N PRO A 173 2.35 20.92 -0.47
CA PRO A 173 2.43 19.75 0.43
C PRO A 173 2.19 18.44 -0.28
N ILE A 174 1.53 18.45 -1.44
CA ILE A 174 1.35 17.15 -2.10
C ILE A 174 2.56 16.69 -2.90
N THR A 175 3.68 17.40 -2.78
CA THR A 175 4.92 16.94 -3.40
C THR A 175 5.78 16.16 -2.38
N GLU A 176 5.25 15.94 -1.17
CA GLU A 176 5.94 15.21 -0.12
C GLU A 176 6.65 13.95 -0.64
N ASP A 177 7.93 13.81 -0.32
CA ASP A 177 8.79 12.75 -0.87
C ASP A 177 8.82 11.60 0.15
N LEU A 178 9.40 10.49 -0.26
CA LEU A 178 9.40 9.23 0.48
C LEU A 178 10.85 9.03 0.98
N ASP A 179 11.05 8.96 2.29
N ASP A 179 11.06 8.97 2.30
CA ASP A 179 12.40 8.73 2.81
CA ASP A 179 12.40 8.71 2.89
C ASP A 179 12.77 7.28 2.54
C ASP A 179 12.77 7.27 2.56
N ASP A 180 14.05 7.03 2.28
CA ASP A 180 14.52 5.71 1.94
C ASP A 180 14.14 4.68 2.95
N LYS A 181 14.21 5.06 4.22
CA LYS A 181 13.91 4.10 5.27
C LYS A 181 12.40 3.90 5.45
N ASP A 182 11.59 4.68 4.73
CA ASP A 182 10.14 4.45 4.79
C ASP A 182 9.62 3.64 3.59
N ALA A 183 10.47 2.85 2.98
CA ALA A 183 10.01 2.00 1.90
C ALA A 183 10.81 0.73 1.95
N ASP A 184 10.27 -0.31 1.30
CA ASP A 184 11.03 -1.56 1.06
C ASP A 184 11.26 -1.69 -0.41
N VAL A 185 12.32 -2.39 -0.81
CA VAL A 185 12.31 -2.85 -2.20
C VAL A 185 11.84 -4.32 -2.11
N ALA A 186 11.16 -4.80 -3.14
CA ALA A 186 10.58 -6.14 -3.07
C ALA A 186 10.71 -6.78 -4.46
N TYR A 187 10.85 -8.09 -4.47
CA TYR A 187 11.10 -8.82 -5.68
C TYR A 187 10.38 -10.14 -5.57
N ARG A 188 9.82 -10.61 -6.68
CA ARG A 188 9.11 -11.89 -6.63
C ARG A 188 9.24 -12.63 -7.95
N GLU A 189 9.06 -13.94 -7.87
CA GLU A 189 8.93 -14.76 -9.06
C GLU A 189 7.68 -15.63 -8.96
N VAL A 190 7.15 -16.02 -10.11
CA VAL A 190 6.10 -17.05 -10.07
C VAL A 190 6.67 -18.23 -10.81
N LEU A 191 6.61 -19.39 -10.14
CA LEU A 191 7.22 -20.62 -10.67
C LEU A 191 6.23 -21.74 -10.51
N LEU A 192 6.23 -22.70 -11.43
CA LEU A 192 5.55 -23.98 -11.16
C LEU A 192 6.35 -24.78 -10.16
N THR A 193 5.67 -25.70 -9.46
CA THR A 193 6.34 -26.54 -8.44
C THR A 193 6.47 -27.97 -8.89
N LYS A 194 7.50 -28.65 -8.39
CA LYS A 194 7.81 -30.03 -8.76
C LYS A 194 6.76 -31.00 -8.23
N GLU A 195 6.13 -30.61 -7.12
CA GLU A 195 5.17 -31.47 -6.42
C GLU A 195 3.99 -30.60 -5.99
N ASP A 196 2.86 -31.25 -5.68
CA ASP A 196 1.66 -30.52 -5.23
C ASP A 196 2.03 -29.75 -3.98
N ILE A 197 1.56 -28.50 -3.90
CA ILE A 197 1.84 -27.67 -2.77
C ILE A 197 1.02 -28.08 -1.57
N GLU A 198 1.68 -28.21 -0.42
CA GLU A 198 0.99 -28.60 0.82
C GLU A 198 0.16 -27.42 1.32
N ASP A 199 -1.09 -27.67 1.73
CA ASP A 199 -2.00 -26.62 2.20
C ASP A 199 -2.00 -25.44 1.25
N HIS A 200 -2.35 -25.69 -0.01
CA HIS A 200 -2.23 -24.64 -1.03
C HIS A 200 -3.22 -23.49 -0.87
N ASP A 201 -4.13 -23.58 0.09
CA ASP A 201 -5.04 -22.50 0.40
C ASP A 201 -4.48 -21.60 1.50
N TYR A 202 -3.25 -21.85 1.93
CA TYR A 202 -2.60 -21.01 2.95
C TYR A 202 -1.36 -20.29 2.39
N LEU A 203 -1.33 -18.98 2.56
CA LEU A 203 -0.11 -18.20 2.30
C LEU A 203 0.89 -18.52 3.41
N ARG A 204 2.19 -18.36 3.11
CA ARG A 204 3.25 -18.62 4.08
C ARG A 204 4.05 -17.34 4.15
N ILE A 205 4.30 -16.86 5.35
CA ILE A 205 5.12 -15.65 5.52
C ILE A 205 6.19 -15.99 6.53
N PHE A 206 7.44 -15.76 6.16
CA PHE A 206 8.57 -16.17 6.97
C PHE A 206 9.26 -14.93 7.50
N ILE A 207 9.22 -14.78 8.82
CA ILE A 207 9.88 -13.67 9.49
C ILE A 207 11.34 -14.06 9.77
N ASP A 208 12.26 -13.15 9.46
CA ASP A 208 13.68 -13.43 9.62
C ASP A 208 14.41 -12.13 9.33
N GLN A 209 15.05 -11.59 10.36
CA GLN A 209 15.77 -10.31 10.24
C GLN A 209 17.08 -10.44 9.47
N GLU A 210 17.49 -11.67 9.21
CA GLU A 210 18.74 -11.89 8.52
CA GLU A 210 18.74 -11.98 8.53
C GLU A 210 18.55 -12.22 7.02
N THR A 211 17.52 -12.96 6.67
CA THR A 211 17.37 -13.34 5.27
C THR A 211 16.47 -12.35 4.52
N SER A 212 15.81 -11.46 5.25
CA SER A 212 14.94 -10.43 4.58
C SER A 212 14.89 -9.25 5.52
N PRO A 213 16.05 -8.60 5.75
CA PRO A 213 16.13 -7.58 6.76
C PRO A 213 15.14 -6.41 6.51
N GLY A 214 14.29 -6.15 7.49
CA GLY A 214 13.36 -5.05 7.36
C GLY A 214 12.06 -5.42 6.64
N GLY A 215 11.91 -6.68 6.23
CA GLY A 215 10.69 -7.10 5.47
C GLY A 215 10.46 -8.54 5.84
N TYR A 216 10.10 -9.38 4.86
CA TYR A 216 9.91 -10.79 5.11
C TYR A 216 9.95 -11.54 3.79
N TRP A 217 10.10 -12.86 3.87
CA TRP A 217 9.95 -13.72 2.69
C TRP A 217 8.53 -14.25 2.66
N TRP A 218 8.03 -14.58 1.46
CA TRP A 218 6.72 -15.17 1.32
C TRP A 218 6.66 -16.27 0.27
N TYR A 219 5.67 -17.13 0.42
CA TYR A 219 5.43 -18.24 -0.48
C TYR A 219 3.91 -18.22 -0.61
N PHE A 220 3.39 -17.70 -1.74
CA PHE A 220 1.95 -17.46 -1.88
C PHE A 220 1.43 -18.35 -3.01
N PRO A 221 0.77 -19.49 -2.66
CA PRO A 221 0.33 -20.38 -3.75
C PRO A 221 -0.72 -19.77 -4.66
N LYS A 222 -0.53 -19.94 -5.96
CA LYS A 222 -1.53 -19.46 -6.92
C LYS A 222 -2.31 -20.63 -7.50
N GLY A 223 -2.22 -21.78 -6.83
CA GLY A 223 -2.88 -23.02 -7.27
C GLY A 223 -2.16 -24.22 -6.68
N LYS A 224 -2.52 -25.39 -7.16
CA LYS A 224 -1.97 -26.63 -6.59
C LYS A 224 -0.49 -26.82 -6.89
N ASN A 225 0.02 -26.21 -7.99
CA ASN A 225 1.39 -26.46 -8.45
C ASN A 225 2.09 -25.20 -8.92
N LYS A 226 1.70 -24.04 -8.39
CA LYS A 226 2.22 -22.74 -8.88
C LYS A 226 2.28 -21.77 -7.69
N VAL A 227 3.38 -21.05 -7.57
CA VAL A 227 3.56 -20.24 -6.39
C VAL A 227 4.19 -18.90 -6.77
N ASN A 228 3.80 -17.83 -6.02
CA ASN A 228 4.44 -16.52 -6.09
C ASN A 228 5.35 -16.44 -4.89
N VAL A 229 6.67 -16.38 -5.10
CA VAL A 229 7.58 -16.44 -3.96
C VAL A 229 8.45 -15.21 -4.05
N GLY A 230 8.73 -14.56 -2.92
CA GLY A 230 9.54 -13.35 -3.04
C GLY A 230 9.89 -12.84 -1.65
N LEU A 231 10.44 -11.64 -1.60
CA LEU A 231 10.79 -11.02 -0.30
C LEU A 231 10.79 -9.52 -0.47
N GLY A 232 10.78 -8.83 0.67
CA GLY A 232 11.03 -7.44 0.69
C GLY A 232 12.08 -7.17 1.77
N ILE A 233 12.87 -6.16 1.51
CA ILE A 233 13.88 -5.71 2.47
C ILE A 233 13.80 -4.21 2.62
N GLN A 234 14.15 -3.72 3.80
CA GLN A 234 14.00 -2.28 4.03
C GLN A 234 14.97 -1.47 3.16
N GLY A 235 14.50 -0.39 2.53
CA GLY A 235 15.36 0.56 1.83
C GLY A 235 16.18 1.43 2.78
N GLY A 236 17.24 2.03 2.23
CA GLY A 236 17.97 3.07 2.95
C GLY A 236 18.86 2.63 4.08
N MET A 237 19.17 1.34 4.10
CA MET A 237 19.92 0.75 5.19
C MET A 237 21.28 0.25 4.69
N GLY A 238 21.56 0.40 3.40
CA GLY A 238 22.86 -0.03 2.83
C GLY A 238 22.94 -1.53 2.58
N TYR A 239 21.77 -2.19 2.54
CA TYR A 239 21.77 -3.63 2.29
C TYR A 239 22.20 -3.88 0.87
N PRO A 240 22.83 -5.03 0.61
CA PRO A 240 23.15 -5.32 -0.79
C PRO A 240 21.86 -5.61 -1.56
N SER A 241 22.01 -5.79 -2.88
N SER A 241 22.00 -5.74 -2.88
CA SER A 241 20.91 -6.03 -3.77
CA SER A 241 20.89 -6.02 -3.78
C SER A 241 19.93 -7.08 -3.21
C SER A 241 19.93 -7.06 -3.20
N ILE A 242 18.63 -6.78 -3.34
CA ILE A 242 17.60 -7.75 -2.92
C ILE A 242 17.80 -9.09 -3.65
N HIS A 243 18.31 -9.01 -4.87
CA HIS A 243 18.60 -10.23 -5.62
C HIS A 243 19.70 -11.15 -5.01
N GLU A 244 20.67 -10.61 -4.25
CA GLU A 244 21.58 -11.47 -3.48
C GLU A 244 20.89 -12.30 -2.41
N TYR A 245 19.98 -11.65 -1.65
CA TYR A 245 19.18 -12.38 -0.66
C TYR A 245 18.34 -13.45 -1.34
N TYR A 246 17.74 -13.06 -2.46
CA TYR A 246 16.80 -13.94 -3.15
C TYR A 246 17.52 -15.21 -3.60
N LYS A 247 18.63 -15.04 -4.32
CA LYS A 247 19.44 -16.19 -4.73
C LYS A 247 19.93 -17.04 -3.58
N LYS A 248 20.39 -16.40 -2.52
CA LYS A 248 20.98 -17.12 -1.43
C LYS A 248 19.98 -17.95 -0.65
N TYR A 249 18.76 -17.43 -0.46
CA TYR A 249 17.78 -18.09 0.42
C TYR A 249 16.54 -18.69 -0.23
N LEU A 250 16.34 -18.51 -1.54
CA LEU A 250 15.18 -19.16 -2.21
C LEU A 250 15.00 -20.63 -1.74
N ASP A 251 16.10 -21.38 -1.69
CA ASP A 251 16.02 -22.84 -1.45
C ASP A 251 15.49 -23.17 -0.07
N LYS A 252 15.73 -22.29 0.90
CA LYS A 252 15.20 -22.45 2.24
C LYS A 252 13.67 -22.32 2.31
N TYR A 253 13.14 -21.40 1.53
CA TYR A 253 11.70 -21.10 1.59
C TYR A 253 10.85 -21.77 0.51
N ALA A 254 11.48 -22.17 -0.59
CA ALA A 254 10.77 -22.77 -1.73
C ALA A 254 11.61 -23.93 -2.33
N PRO A 255 11.91 -24.96 -1.52
CA PRO A 255 12.77 -26.06 -1.98
C PRO A 255 12.16 -26.82 -3.14
N ASP A 256 10.85 -26.68 -3.30
CA ASP A 256 10.01 -27.41 -4.25
C ASP A 256 9.76 -26.70 -5.59
N VAL A 257 10.25 -25.46 -5.77
CA VAL A 257 9.99 -24.80 -7.07
C VAL A 257 10.80 -25.44 -8.19
N ASP A 258 10.22 -25.48 -9.40
CA ASP A 258 10.94 -25.92 -10.57
C ASP A 258 11.49 -24.70 -11.29
N LYS A 259 12.81 -24.48 -11.14
CA LYS A 259 13.46 -23.29 -11.70
C LYS A 259 13.51 -23.26 -13.22
N SER A 260 13.26 -24.40 -13.85
CA SER A 260 13.13 -24.42 -15.30
C SER A 260 11.72 -23.97 -15.75
N LYS A 261 10.83 -23.66 -14.80
CA LYS A 261 9.45 -23.31 -15.12
C LYS A 261 9.09 -21.97 -14.48
N LEU A 262 9.99 -21.00 -14.64
CA LEU A 262 9.71 -19.65 -14.19
C LEU A 262 8.76 -18.96 -15.18
N LEU A 263 7.75 -18.31 -14.63
CA LEU A 263 6.72 -17.69 -15.44
CA LEU A 263 6.69 -17.67 -15.42
C LEU A 263 6.89 -16.17 -15.53
N VAL A 264 7.10 -15.53 -14.39
CA VAL A 264 7.33 -14.05 -14.37
C VAL A 264 8.30 -13.76 -13.24
N LYS A 265 8.99 -12.64 -13.32
CA LYS A 265 9.86 -12.22 -12.22
C LYS A 265 10.00 -10.69 -12.29
N GLY A 266 10.34 -10.06 -11.19
CA GLY A 266 10.52 -8.62 -11.24
C GLY A 266 10.38 -8.03 -9.86
N GLY A 267 10.78 -6.77 -9.71
CA GLY A 267 10.72 -6.12 -8.39
C GLY A 267 10.27 -4.68 -8.54
N ALA A 268 9.89 -4.07 -7.42
CA ALA A 268 9.51 -2.69 -7.42
C ALA A 268 9.63 -2.18 -5.99
N LEU A 269 9.55 -0.86 -5.87
CA LEU A 269 9.60 -0.21 -4.55
C LEU A 269 8.20 -0.31 -3.91
N VAL A 270 8.14 -0.41 -2.58
CA VAL A 270 6.87 -0.46 -1.88
C VAL A 270 6.94 0.54 -0.71
N PRO A 271 6.17 1.64 -0.73
CA PRO A 271 6.18 2.52 0.46
C PRO A 271 5.71 1.78 1.71
N THR A 272 6.26 2.09 2.87
CA THR A 272 5.86 1.38 4.11
C THR A 272 5.72 2.40 5.24
N ARG A 273 4.74 3.30 5.12
CA ARG A 273 4.64 4.37 6.11
C ARG A 273 3.22 4.91 6.20
N ARG A 274 3.06 5.88 7.10
CA ARG A 274 1.80 6.65 7.19
C ARG A 274 1.49 7.25 5.78
N PRO A 275 0.21 7.54 5.49
CA PRO A 275 0.02 8.10 4.15
C PRO A 275 0.61 9.55 3.98
N LEU A 276 0.59 10.07 2.77
CA LEU A 276 0.90 11.51 2.55
C LEU A 276 0.18 12.37 3.59
N TYR A 277 0.88 13.34 4.20
CA TYR A 277 0.22 14.11 5.24
C TYR A 277 -1.07 14.77 4.78
N THR A 278 -1.09 15.22 3.55
CA THR A 278 -2.37 15.51 2.87
C THR A 278 -2.38 14.78 1.54
N MET A 279 -3.51 14.12 1.22
CA MET A 279 -3.69 13.47 -0.09
C MET A 279 -4.47 14.35 -1.04
N ALA A 280 -4.76 15.57 -0.61
CA ALA A 280 -5.50 16.54 -1.45
C ALA A 280 -4.82 17.88 -1.42
N TRP A 281 -4.85 18.58 -2.55
CA TRP A 281 -4.45 19.98 -2.57
C TRP A 281 -5.23 20.68 -3.68
N ASN A 282 -4.87 21.90 -4.04
CA ASN A 282 -5.74 22.65 -5.04
C ASN A 282 -5.71 21.98 -6.40
N GLY A 283 -6.86 21.41 -6.81
CA GLY A 283 -6.98 20.77 -8.10
C GLY A 283 -6.48 19.33 -8.20
N ILE A 284 -6.18 18.69 -7.05
CA ILE A 284 -5.48 17.39 -7.10
C ILE A 284 -5.73 16.53 -5.89
N ILE A 285 -5.92 15.23 -6.14
CA ILE A 285 -5.95 14.23 -5.09
C ILE A 285 -4.93 13.15 -5.47
N VAL A 286 -4.20 12.64 -4.48
CA VAL A 286 -3.18 11.59 -4.73
C VAL A 286 -3.64 10.30 -4.02
N ILE A 287 -3.58 9.17 -4.71
CA ILE A 287 -4.05 7.88 -4.16
C ILE A 287 -3.07 6.75 -4.46
N GLY A 288 -3.32 5.59 -3.83
CA GLY A 288 -2.52 4.37 -4.03
C GLY A 288 -1.04 4.57 -3.58
N ASP A 289 -0.14 3.80 -4.18
CA ASP A 289 1.30 3.89 -3.78
C ASP A 289 1.85 5.32 -3.92
N SER A 290 1.33 6.08 -4.88
CA SER A 290 1.82 7.46 -5.01
C SER A 290 1.51 8.30 -3.75
N GLY A 291 0.42 7.96 -3.06
CA GLY A 291 0.08 8.63 -1.82
C GLY A 291 0.45 7.81 -0.59
N PHE A 292 1.31 6.76 -0.76
CA PHE A 292 1.78 5.93 0.31
C PHE A 292 0.66 5.19 1.06
N THR A 293 -0.29 4.63 0.33
CA THR A 293 -1.46 3.98 0.98
C THR A 293 -1.18 2.55 1.58
N VAL A 294 0.03 2.04 1.48
CA VAL A 294 0.33 0.63 1.77
C VAL A 294 0.39 0.38 3.29
N ASN A 295 -0.04 -0.82 3.72
CA ASN A 295 0.09 -1.22 5.10
C ASN A 295 1.59 -1.26 5.48
N PRO A 296 2.00 -0.51 6.53
CA PRO A 296 3.43 -0.42 6.80
C PRO A 296 4.02 -1.72 7.39
N VAL A 297 3.18 -2.56 7.95
CA VAL A 297 3.71 -3.81 8.56
C VAL A 297 3.89 -4.92 7.53
N HIS A 298 2.80 -5.22 6.80
CA HIS A 298 2.86 -6.34 5.86
C HIS A 298 3.01 -5.96 4.35
N GLY A 299 2.99 -4.67 4.02
CA GLY A 299 3.31 -4.23 2.68
C GLY A 299 2.14 -4.41 1.71
N GLY A 300 0.98 -4.83 2.21
CA GLY A 300 -0.24 -4.97 1.39
C GLY A 300 -0.78 -3.59 1.02
N GLY A 301 -0.86 -3.32 -0.27
CA GLY A 301 -1.35 -2.02 -0.76
C GLY A 301 -2.49 -2.11 -1.75
N LYS A 302 -2.84 -3.29 -2.28
CA LYS A 302 -3.99 -3.32 -3.23
C LYS A 302 -5.33 -3.01 -2.56
N GLY A 303 -5.57 -3.54 -1.36
CA GLY A 303 -6.86 -3.25 -0.69
C GLY A 303 -6.94 -1.75 -0.32
N SER A 304 -5.89 -1.23 0.31
CA SER A 304 -5.89 0.17 0.67
C SER A 304 -5.86 1.08 -0.58
N ALA A 305 -5.29 0.61 -1.70
CA ALA A 305 -5.33 1.38 -2.95
C ALA A 305 -6.81 1.56 -3.34
N MET A 306 -7.56 0.46 -3.28
CA MET A 306 -9.02 0.51 -3.52
C MET A 306 -9.76 1.48 -2.60
N ILE A 307 -9.46 1.44 -1.32
CA ILE A 307 -10.05 2.39 -0.34
C ILE A 307 -9.74 3.85 -0.78
N SER A 308 -8.47 4.12 -1.12
CA SER A 308 -8.09 5.51 -1.46
C SER A 308 -8.87 5.96 -2.71
N GLY A 309 -9.15 5.03 -3.62
CA GLY A 309 -9.94 5.32 -4.85
C GLY A 309 -11.36 5.68 -4.50
N TYR A 310 -11.91 4.95 -3.53
CA TYR A 310 -13.26 5.20 -3.02
C TYR A 310 -13.35 6.57 -2.37
N CYS A 311 -12.37 6.89 -1.52
CA CYS A 311 -12.37 8.20 -0.85
C CYS A 311 -12.19 9.35 -1.83
N ALA A 312 -11.36 9.13 -2.85
CA ALA A 312 -11.16 10.16 -3.88
C ALA A 312 -12.46 10.44 -4.59
N ALA A 313 -13.20 9.38 -4.94
CA ALA A 313 -14.47 9.60 -5.63
C ALA A 313 -15.43 10.38 -4.77
N LYS A 314 -15.54 10.01 -3.50
CA LYS A 314 -16.49 10.67 -2.60
C LYS A 314 -16.11 12.15 -2.48
N ALA A 315 -14.80 12.43 -2.37
CA ALA A 315 -14.33 13.83 -2.19
C ALA A 315 -14.58 14.66 -3.44
N ILE A 316 -14.37 14.03 -4.60
CA ILE A 316 -14.59 14.75 -5.86
C ILE A 316 -16.04 15.08 -6.07
N LEU A 317 -16.92 14.13 -5.75
CA LEU A 317 -18.38 14.42 -5.96
C LEU A 317 -18.78 15.56 -5.08
N SER A 318 -18.28 15.56 -3.85
N SER A 318 -18.28 15.57 -3.85
CA SER A 318 -18.49 16.69 -2.90
CA SER A 318 -18.51 16.70 -2.92
C SER A 318 -18.02 18.03 -3.46
C SER A 318 -18.01 18.04 -3.47
N ALA A 319 -16.80 18.04 -4.04
CA ALA A 319 -16.25 19.24 -4.65
C ALA A 319 -17.12 19.77 -5.79
N PHE A 320 -17.62 18.91 -6.67
CA PHE A 320 -18.50 19.37 -7.71
C PHE A 320 -19.84 19.93 -7.17
N GLU A 321 -20.28 19.39 -6.05
CA GLU A 321 -21.54 19.85 -5.50
C GLU A 321 -21.37 21.19 -4.78
N THR A 322 -20.12 21.60 -4.57
CA THR A 322 -19.87 22.91 -3.92
C THR A 322 -19.09 23.85 -4.85
N GLY A 323 -18.88 23.42 -6.10
CA GLY A 323 -18.04 24.15 -7.08
C GLY A 323 -16.64 24.55 -6.56
N ASP A 324 -16.07 23.74 -5.65
CA ASP A 324 -14.90 24.16 -4.88
C ASP A 324 -13.80 23.10 -5.05
N PHE A 325 -12.78 23.40 -5.86
CA PHE A 325 -11.73 22.44 -6.17
C PHE A 325 -10.44 22.76 -5.44
N SER A 326 -10.56 23.65 -4.45
CA SER A 326 -9.43 23.93 -3.57
C SER A 326 -9.10 22.72 -2.71
N ALA A 327 -7.91 22.76 -2.08
CA ALA A 327 -7.63 21.73 -1.04
C ALA A 327 -8.80 21.65 -0.04
N SER A 328 -9.34 22.81 0.37
N SER A 328 -9.34 22.81 0.36
CA SER A 328 -10.50 22.81 1.29
CA SER A 328 -10.48 22.85 1.28
C SER A 328 -11.70 22.10 0.68
C SER A 328 -11.72 22.15 0.69
N GLY A 329 -11.96 22.36 -0.60
CA GLY A 329 -13.06 21.70 -1.31
C GLY A 329 -12.90 20.21 -1.44
N LEU A 330 -11.65 19.74 -1.51
CA LEU A 330 -11.38 18.29 -1.66
C LEU A 330 -10.98 17.65 -0.33
N TRP A 331 -11.09 18.37 0.78
CA TRP A 331 -10.45 17.95 2.03
C TRP A 331 -11.05 16.70 2.60
N ASP A 332 -12.30 16.42 2.24
CA ASP A 332 -12.94 15.19 2.75
C ASP A 332 -12.22 13.90 2.30
N MET A 333 -11.39 14.03 1.28
CA MET A 333 -10.52 12.93 0.85
C MET A 333 -9.69 12.48 2.06
N ASN A 334 -9.06 13.46 2.73
CA ASN A 334 -8.26 13.14 3.90
C ASN A 334 -9.09 12.57 5.03
N ILE A 335 -10.20 13.21 5.33
CA ILE A 335 -11.05 12.78 6.46
C ILE A 335 -11.55 11.33 6.24
N CYS A 336 -12.01 11.08 5.03
CA CYS A 336 -12.45 9.73 4.62
C CYS A 336 -11.30 8.73 4.74
N TYR A 337 -10.15 9.08 4.16
CA TYR A 337 -9.13 8.04 4.03
C TYR A 337 -8.53 7.74 5.41
N VAL A 338 -8.34 8.79 6.22
CA VAL A 338 -7.75 8.58 7.52
C VAL A 338 -8.69 7.73 8.38
N ASN A 339 -10.00 7.97 8.28
CA ASN A 339 -10.92 7.14 9.05
C ASN A 339 -11.04 5.69 8.56
N GLU A 340 -10.93 5.49 7.25
CA GLU A 340 -11.06 4.15 6.67
C GLU A 340 -9.81 3.28 6.78
N TYR A 341 -8.64 3.93 6.87
CA TYR A 341 -7.37 3.18 6.78
C TYR A 341 -6.14 3.95 7.22
N GLY A 342 -6.14 5.27 7.01
CA GLY A 342 -4.93 6.12 7.28
C GLY A 342 -4.52 6.12 8.75
N ALA A 343 -5.50 6.22 9.66
CA ALA A 343 -5.15 6.27 11.10
C ALA A 343 -4.51 4.93 11.48
N LYS A 344 -5.10 3.84 10.98
CA LYS A 344 -4.51 2.50 11.17
C LYS A 344 -3.08 2.41 10.62
N GLN A 345 -2.86 2.96 9.43
CA GLN A 345 -1.51 3.00 8.82
C GLN A 345 -0.55 3.74 9.72
N ALA A 346 -0.99 4.87 10.30
CA ALA A 346 -0.09 5.67 11.11
C ALA A 346 0.36 4.87 12.36
N SER A 347 -0.60 4.20 12.98
CA SER A 347 -0.27 3.33 14.14
C SER A 347 0.69 2.21 13.74
N LEU A 348 0.45 1.59 12.58
CA LEU A 348 1.30 0.52 12.07
C LEU A 348 2.71 0.96 11.65
N ASP A 349 2.85 2.22 11.23
CA ASP A 349 4.14 2.85 10.93
C ASP A 349 5.01 2.83 12.19
N ILE A 350 4.40 3.17 13.34
CA ILE A 350 5.12 3.05 14.61
CA ILE A 350 5.07 3.05 14.65
C ILE A 350 5.41 1.59 14.91
N PHE A 351 4.41 0.71 14.75
CA PHE A 351 4.68 -0.67 15.08
C PHE A 351 5.81 -1.28 14.21
N ARG A 352 5.84 -0.92 12.92
CA ARG A 352 6.83 -1.46 11.98
C ARG A 352 8.22 -1.02 12.41
N ARG A 353 8.36 0.19 12.92
CA ARG A 353 9.68 0.67 13.32
C ARG A 353 10.26 -0.20 14.43
N PHE A 354 9.39 -0.59 15.36
CA PHE A 354 9.73 -1.48 16.48
C PHE A 354 10.05 -2.89 15.94
N LEU A 355 9.19 -3.44 15.07
CA LEU A 355 9.41 -4.78 14.55
C LEU A 355 10.72 -4.87 13.77
N GLN A 356 11.04 -3.81 13.01
CA GLN A 356 12.27 -3.82 12.23
C GLN A 356 13.55 -3.82 13.08
N LYS A 357 13.44 -3.44 14.35
CA LYS A 357 14.60 -3.38 15.21
C LYS A 357 14.79 -4.59 16.12
N LEU A 358 13.84 -5.52 16.11
CA LEU A 358 13.92 -6.75 16.94
C LEU A 358 14.96 -7.68 16.35
N SER A 359 15.58 -8.52 17.17
CA SER A 359 16.48 -9.54 16.64
C SER A 359 15.72 -10.82 16.31
N ASN A 360 16.35 -11.74 15.57
CA ASN A 360 15.75 -13.05 15.41
C ASN A 360 15.47 -13.78 16.73
N ASP A 361 16.40 -13.64 17.68
CA ASP A 361 16.21 -14.24 19.02
C ASP A 361 14.95 -13.67 19.70
N ASP A 362 14.74 -12.35 19.61
CA ASP A 362 13.52 -11.73 20.14
C ASP A 362 12.25 -12.33 19.54
N ILE A 363 12.23 -12.43 18.21
CA ILE A 363 11.03 -12.91 17.52
C ILE A 363 10.78 -14.39 17.82
N ASN A 364 11.83 -15.21 17.79
CA ASN A 364 11.69 -16.62 18.12
C ASN A 364 11.12 -16.74 19.53
N TYR A 365 11.62 -15.92 20.44
CA TYR A 365 11.17 -15.96 21.84
C TYR A 365 9.70 -15.54 21.96
N GLY A 366 9.37 -14.37 21.42
CA GLY A 366 7.99 -13.89 21.37
C GLY A 366 6.99 -14.86 20.79
N MET A 367 7.37 -15.55 19.72
CA MET A 367 6.43 -16.45 19.07
C MET A 367 6.32 -17.77 19.86
N LYS A 368 7.46 -18.30 20.31
CA LYS A 368 7.55 -19.52 21.14
C LYS A 368 6.69 -19.41 22.39
N LYS A 369 6.75 -18.24 23.03
CA LYS A 369 6.09 -18.00 24.31
C LYS A 369 4.69 -17.45 24.11
N LYS A 370 4.31 -17.29 22.85
CA LYS A 370 3.00 -16.78 22.49
C LYS A 370 2.70 -15.52 23.28
N ILE A 371 3.59 -14.52 23.19
CA ILE A 371 3.45 -13.28 23.95
C ILE A 371 2.19 -12.50 23.56
N ILE A 372 1.76 -12.64 22.32
CA ILE A 372 0.40 -12.25 21.95
C ILE A 372 -0.23 -13.45 21.25
N LYS A 373 -1.55 -13.56 21.33
CA LYS A 373 -2.26 -14.66 20.69
C LYS A 373 -2.46 -14.39 19.18
N GLU A 374 -2.87 -15.42 18.44
CA GLU A 374 -3.22 -15.28 17.03
C GLU A 374 -4.41 -14.32 16.86
N GLU A 375 -5.37 -14.40 17.78
CA GLU A 375 -6.55 -13.53 17.77
C GLU A 375 -6.17 -12.06 17.91
N ASP A 376 -5.13 -11.81 18.69
CA ASP A 376 -4.68 -10.45 18.97
C ASP A 376 -3.78 -9.90 17.87
N LEU A 377 -3.00 -10.76 17.22
CA LEU A 377 -2.23 -10.36 16.04
C LEU A 377 -3.18 -10.02 14.88
N LEU A 378 -4.30 -10.74 14.79
CA LEU A 378 -5.33 -10.49 13.77
C LEU A 378 -6.05 -9.15 14.02
N GLU A 379 -6.46 -8.92 15.27
CA GLU A 379 -7.09 -7.67 15.70
C GLU A 379 -6.17 -6.43 15.47
N ALA A 380 -4.87 -6.62 15.66
CA ALA A 380 -3.88 -5.54 15.50
C ALA A 380 -3.56 -5.20 14.05
N SER A 381 -3.63 -6.19 13.14
CA SER A 381 -3.37 -5.97 11.72
C SER A 381 -4.55 -5.39 10.95
N GLU A 382 -5.76 -5.56 11.50
CA GLU A 382 -6.99 -5.17 10.82
C GLU A 382 -7.56 -3.85 11.32
N LYS A 383 -7.19 -3.46 12.53
CA LYS A 383 -7.61 -2.18 13.12
C LYS A 383 -6.46 -1.24 13.50
N GLY A 384 -5.25 -1.77 13.57
CA GLY A 384 -4.06 -0.98 13.93
C GLY A 384 -3.86 -0.85 15.43
N ASP A 385 -4.70 -1.56 16.19
CA ASP A 385 -4.78 -1.41 17.64
C ASP A 385 -3.96 -2.48 18.34
N LEU A 386 -2.97 -2.06 19.09
CA LEU A 386 -2.37 -2.97 20.07
C LEU A 386 -2.97 -2.55 21.40
N HIS A 387 -4.06 -3.20 21.82
CA HIS A 387 -4.71 -2.81 23.06
C HIS A 387 -3.73 -2.76 24.21
N LEU A 388 -3.92 -1.79 25.09
CA LEU A 388 -3.01 -1.67 26.22
C LEU A 388 -3.04 -2.93 27.10
N SER A 389 -4.21 -3.55 27.26
CA SER A 389 -4.31 -4.79 28.06
C SER A 389 -3.54 -5.96 27.44
N VAL A 390 -3.52 -5.98 26.10
CA VAL A 390 -2.82 -7.01 25.35
C VAL A 390 -1.32 -6.77 25.50
N ALA A 391 -0.90 -5.51 25.41
CA ALA A 391 0.50 -5.18 25.70
C ALA A 391 0.92 -5.54 27.12
N ASP A 392 0.02 -5.35 28.10
CA ASP A 392 0.34 -5.74 29.49
C ASP A 392 0.55 -7.25 29.63
N LYS A 393 -0.37 -8.03 29.05
CA LYS A 393 -0.27 -9.49 29.12
C LYS A 393 1.08 -9.94 28.51
N ALA A 394 1.43 -9.33 27.37
CA ALA A 394 2.67 -9.65 26.68
C ALA A 394 3.86 -9.32 27.58
N MET A 395 3.80 -8.15 28.22
CA MET A 395 4.92 -7.67 29.01
C MET A 395 5.10 -8.52 30.24
N ARG A 396 4.03 -9.17 30.70
CA ARG A 396 4.18 -10.15 31.78
C ARG A 396 5.01 -11.35 31.35
N VAL A 397 4.87 -11.79 30.10
CA VAL A 397 5.77 -12.85 29.60
C VAL A 397 7.17 -12.32 29.34
N ILE A 398 7.25 -11.12 28.77
CA ILE A 398 8.55 -10.51 28.44
C ILE A 398 9.36 -10.30 29.71
N SER A 399 8.68 -10.06 30.84
CA SER A 399 9.40 -9.88 32.13
C SER A 399 10.20 -11.12 32.60
N GLY A 400 9.83 -12.32 32.07
CA GLY A 400 10.52 -13.61 32.36
C GLY A 400 11.78 -13.80 31.46
N LEU A 401 12.08 -12.87 30.58
CA LEU A 401 13.32 -12.89 29.80
C LEU A 401 14.40 -12.21 30.65
N GLY A 402 15.59 -12.80 30.73
CA GLY A 402 16.64 -12.28 31.62
C GLY A 402 17.84 -11.66 30.87
N ARG A 403 17.65 -11.37 29.60
CA ARG A 403 18.69 -10.76 28.80
C ARG A 403 18.18 -9.44 28.23
N PRO A 404 19.09 -8.50 27.91
CA PRO A 404 18.57 -7.24 27.37
C PRO A 404 17.83 -7.47 26.06
N SER A 405 16.76 -6.74 25.89
CA SER A 405 15.95 -6.93 24.67
C SER A 405 15.11 -5.72 24.41
N LEU A 406 14.97 -5.37 23.15
CA LEU A 406 14.01 -4.35 22.74
C LEU A 406 12.57 -4.78 23.02
N LEU A 407 12.31 -6.09 23.23
CA LEU A 407 10.94 -6.53 23.54
C LEU A 407 10.36 -5.82 24.77
N PHE A 408 11.25 -5.37 25.66
CA PHE A 408 10.83 -4.71 26.92
C PHE A 408 10.18 -3.35 26.66
N LYS A 409 10.30 -2.86 25.43
CA LYS A 409 9.73 -1.56 25.08
C LYS A 409 8.31 -1.67 24.54
N LEU A 410 7.77 -2.89 24.46
CA LEU A 410 6.47 -3.15 23.83
C LEU A 410 5.33 -2.29 24.41
N LYS A 411 5.28 -2.16 25.73
CA LYS A 411 4.28 -1.29 26.35
C LYS A 411 4.38 0.17 25.86
N ALA A 412 5.61 0.70 25.84
CA ALA A 412 5.90 2.05 25.33
C ALA A 412 5.50 2.16 23.86
N VAL A 413 5.83 1.14 23.07
CA VAL A 413 5.37 1.10 21.68
C VAL A 413 3.87 1.18 21.57
N ALA A 414 3.16 0.35 22.33
CA ALA A 414 1.70 0.35 22.33
C ALA A 414 1.14 1.72 22.64
N GLU A 415 1.74 2.39 23.64
CA GLU A 415 1.33 3.74 24.01
C GLU A 415 1.53 4.77 22.88
N SER A 416 2.67 4.67 22.19
CA SER A 416 2.97 5.53 21.02
C SER A 416 2.01 5.24 19.86
N MET A 417 1.71 3.96 19.63
CA MET A 417 0.68 3.60 18.64
C MET A 417 -0.66 4.23 18.95
N LYS A 418 -1.09 4.15 20.21
CA LYS A 418 -2.39 4.69 20.61
C LYS A 418 -2.40 6.19 20.43
N LYS A 419 -1.29 6.83 20.77
CA LYS A 419 -1.14 8.27 20.65
C LYS A 419 -1.24 8.75 19.20
N ILE A 420 -0.52 8.06 18.31
CA ILE A 420 -0.52 8.51 16.92
C ILE A 420 -1.90 8.25 16.30
N LYS A 421 -2.52 7.13 16.69
CA LYS A 421 -3.83 6.82 16.18
C LYS A 421 -4.82 7.94 16.55
N GLU A 422 -4.79 8.38 17.80
CA GLU A 422 -5.75 9.40 18.21
C GLU A 422 -5.50 10.72 17.50
N LEU A 423 -4.23 11.07 17.34
CA LEU A 423 -3.80 12.24 16.53
C LEU A 423 -4.34 12.24 15.10
N TYR A 424 -4.26 11.07 14.46
CA TYR A 424 -4.82 10.89 13.11
C TYR A 424 -6.33 10.93 13.09
N LEU A 425 -6.97 10.33 14.08
CA LEU A 425 -8.42 10.46 14.19
C LEU A 425 -8.86 11.92 14.48
N ASN A 426 -7.92 12.79 14.85
CA ASN A 426 -8.20 14.24 15.03
C ASN A 426 -7.55 15.02 13.88
N TYR A 427 -7.64 14.43 12.69
CA TYR A 427 -7.00 15.00 11.50
C TYR A 427 -7.62 16.40 11.36
N PRO A 428 -6.81 17.41 10.98
CA PRO A 428 -7.24 18.80 10.87
C PRO A 428 -8.48 18.97 10.00
N ARG A 429 -9.40 19.77 10.47
CA ARG A 429 -10.69 19.88 9.77
C ARG A 429 -10.59 20.76 8.50
N SER A 430 -9.49 21.47 8.35
CA SER A 430 -9.30 22.33 7.17
C SER A 430 -7.80 22.50 6.95
N PRO A 431 -7.38 22.91 5.71
CA PRO A 431 -5.93 22.99 5.42
C PRO A 431 -5.14 24.00 6.29
N SER A 432 -5.78 25.03 6.85
CA SER A 432 -5.04 26.02 7.67
C SER A 432 -4.39 25.36 8.92
N SER A 433 -4.88 24.19 9.29
N SER A 433 -4.88 24.19 9.32
CA SER A 433 -4.35 23.46 10.47
CA SER A 433 -4.30 23.51 10.48
C SER A 433 -3.38 22.34 10.14
C SER A 433 -3.46 22.28 10.13
N LEU A 434 -3.14 22.11 8.85
CA LEU A 434 -2.30 21.00 8.42
C LEU A 434 -0.90 21.10 9.05
N GLY A 435 -0.32 22.31 8.98
CA GLY A 435 1.02 22.58 9.45
C GLY A 435 1.22 22.22 10.92
N SER A 436 0.32 22.73 11.76
CA SER A 436 0.36 22.46 13.19
C SER A 436 0.28 20.98 13.48
N TRP A 437 -0.67 20.32 12.84
CA TRP A 437 -0.87 18.91 13.05
C TRP A 437 0.32 18.08 12.53
N ARG A 438 0.85 18.45 11.36
CA ARG A 438 1.97 17.68 10.81
C ARG A 438 3.17 17.77 11.74
N ARG A 439 3.38 18.94 12.35
CA ARG A 439 4.48 19.12 13.29
C ARG A 439 4.27 18.23 14.54
N GLU A 440 3.01 18.08 14.97
CA GLU A 440 2.72 17.23 16.14
C GLU A 440 3.01 15.80 15.77
N VAL A 441 2.66 15.39 14.53
CA VAL A 441 2.95 14.02 14.13
C VAL A 441 4.46 13.79 14.12
N ASP A 442 5.19 14.68 13.43
N ASP A 442 5.20 14.67 13.43
CA ASP A 442 6.64 14.58 13.30
CA ASP A 442 6.65 14.52 13.32
C ASP A 442 7.31 14.50 14.67
C ASP A 442 7.31 14.47 14.69
N ASN A 443 6.75 15.25 15.62
CA ASN A 443 7.20 15.22 17.01
C ASN A 443 6.97 13.85 17.65
N VAL A 444 5.79 13.27 17.44
CA VAL A 444 5.54 11.91 17.99
C VAL A 444 6.53 10.91 17.41
N LEU A 445 6.78 11.02 16.11
CA LEU A 445 7.68 10.09 15.44
C LEU A 445 9.13 10.22 15.91
N THR A 446 9.65 11.44 15.93
N THR A 446 9.62 11.47 15.97
CA THR A 446 11.02 11.65 16.39
CA THR A 446 10.99 11.79 16.39
C THR A 446 11.19 11.15 17.81
C THR A 446 11.30 11.44 17.85
N GLU A 447 10.27 11.51 18.70
CA GLU A 447 10.33 11.05 20.10
C GLU A 447 10.39 9.54 20.19
N PHE A 448 9.54 8.91 19.38
CA PHE A 448 9.48 7.49 19.29
C PHE A 448 10.78 6.90 18.75
N ASN A 449 11.33 7.46 17.65
CA ASN A 449 12.58 6.94 17.09
C ASN A 449 13.63 6.95 18.19
N LYS A 450 13.68 8.05 18.95
CA LYS A 450 14.65 8.19 20.04
C LYS A 450 14.39 7.26 21.24
N SER A 451 13.13 6.90 21.47
CA SER A 451 12.79 6.01 22.59
C SER A 451 13.31 4.56 22.40
N LEU A 452 13.71 4.23 21.18
CA LEU A 452 14.18 2.88 20.85
C LEU A 452 15.68 2.69 21.10
N SER A 453 16.32 3.74 21.63
CA SER A 453 17.70 3.64 22.08
C SER A 453 17.77 3.71 23.61
PA FDA B . 0.33 0.69 -9.67
O1A FDA B . 1.84 0.80 -9.69
O2A FDA B . -0.28 -0.68 -9.74
O5B FDA B . -0.29 1.41 -10.93
C5B FDA B . 0.21 2.74 -11.33
C4B FDA B . -0.07 2.91 -12.82
O4B FDA B . 0.30 4.23 -13.24
C3B FDA B . 0.74 1.94 -13.70
O3B FDA B . -0.16 1.08 -14.41
C2B FDA B . 1.58 2.86 -14.58
O2B FDA B . 1.70 2.43 -15.93
C1B FDA B . 0.83 4.17 -14.58
N9A FDA B . 1.65 5.39 -14.68
C8A FDA B . 2.66 5.78 -13.85
N7A FDA B . 3.06 7.03 -14.23
C5A FDA B . 2.22 7.43 -15.24
C6A FDA B . 2.13 8.58 -16.01
N6A FDA B . 3.00 9.62 -15.83
N1A FDA B . 1.18 8.63 -16.99
C2A FDA B . 0.30 7.60 -17.23
N3A FDA B . 0.37 6.47 -16.46
C4A FDA B . 1.34 6.38 -15.51
N1 FDA B . -0.06 -5.53 -2.09
C2 FDA B . -1.03 -6.43 -1.89
O2 FDA B . -2.17 -5.96 -1.68
N3 FDA B . -0.79 -7.79 -1.89
C4 FDA B . 0.44 -8.30 -2.13
O4 FDA B . 0.62 -9.52 -2.13
C4X FDA B . 1.56 -7.40 -2.33
N5 FDA B . 2.83 -7.85 -2.54
C5X FDA B . 3.67 -6.99 -3.18
C6 FDA B . 4.85 -7.54 -3.71
C7 FDA B . 5.75 -6.72 -4.41
C7M FDA B . 7.00 -7.37 -5.04
C8 FDA B . 5.48 -5.37 -4.51
C8M FDA B . 6.43 -4.45 -5.29
C9 FDA B . 4.31 -4.78 -3.97
C9A FDA B . 3.37 -5.61 -3.28
N10 FDA B . 2.18 -5.06 -2.69
C10 FDA B . 1.20 -5.96 -2.34
C1' FDA B . 1.80 -3.66 -3.01
C2' FDA B . 0.82 -3.50 -4.21
O2' FDA B . 1.32 -4.21 -5.35
C3' FDA B . 0.70 -2.01 -4.55
O3' FDA B . 0.57 -1.30 -3.30
C4' FDA B . -0.51 -1.66 -5.42
O4' FDA B . -0.51 -2.52 -6.58
C5' FDA B . -0.33 -0.20 -5.89
O5' FDA B . -1.46 0.14 -6.71
P FDA B . -1.43 1.52 -7.50
O1P FDA B . -2.67 1.56 -8.39
O2P FDA B . -1.20 2.60 -6.46
O3P FDA B . -0.04 1.53 -8.36
C1 DD9 C . -6.14 -13.68 3.53
C2 DD9 C . -5.35 -12.91 2.49
C3 DD9 C . -4.83 -11.64 3.14
C4 DD9 C . -4.07 -10.81 2.12
C5 DD9 C . -2.57 -10.94 2.36
C6 DD9 C . -1.93 -9.57 2.17
C7 DD9 C . -0.45 -9.50 2.54
C8 DD9 C . 0.26 -9.24 1.22
C9 DD9 C . 1.48 -8.34 1.21
O11 PPV D . -4.12 -5.18 7.15
P1 PPV D . -5.02 -4.89 5.99
O21 PPV D . -6.44 -4.55 6.37
O31 PPV D . -4.46 -4.04 4.87
OPP PPV D . -5.16 -6.29 5.23
P2 PPV D . -5.89 -7.56 5.88
O12 PPV D . -7.36 -7.20 5.90
O22 PPV D . -5.50 -8.64 4.90
O32 PPV D . -5.26 -7.72 7.25
#